data_5JM7
#
_entry.id   5JM7
#
_cell.length_a   106.790
_cell.length_b   106.790
_cell.length_c   264.720
_cell.angle_alpha   90.00
_cell.angle_beta   90.00
_cell.angle_gamma   120.00
#
_symmetry.space_group_name_H-M   'P 62 2 2'
#
loop_
_entity.id
_entity.type
_entity.pdbx_description
1 polymer 'Aerobactin synthase IucA'
2 non-polymer 'SULFATE ION'
3 water water
#
_entity_poly.entity_id   1
_entity_poly.type   'polypeptide(L)'
_entity_poly.pdbx_seq_one_letter_code
;GHMTLPTKTSTLDVAAQCFLNSLVRETKDWRLTEYQPTQLIIPLGEQQALHFRVAYFSPTQHHRFEFPARLVTASGSHPV
DFATLSRLIVDKLQHQLLLPATSCETFHQRVMESHAHTQQAIDARHDWAALREKALNFGEAEQALLVGHAFHPAPKSHEP
FNQQEAERYLPDFAPHFPLRWFAVNKTQIAGESLHLNLQQRLTRFAAENAPQLLNELSDNQWLFPLHPWQGEYLLQQEWC
QELVAKGLIKDLGEAGAPWLPTTSSRSLYCATSRDMIKFSLSVRLTNSVRTLSVKEVKRGMRLARLAQTDDWQTLQARFP
TFRVMQEDGWAGLRDLHGNIMQESLFALRENLLVDQPQSQTNVLVSLTQAAPDGGDSLLVAAVKRLSDRLGITAQQAAHA
WVDAYCHQVLKPLFTAEADYGLVLLAHQQNILVQMLGDLPVGLIYRDCQGSAFMPHAAGWLDTIGEAQAENVFTREQLLR
YFPYYLLVNSTFAVTAALGAAGLDSEANLMARVRTLLAEMRDQVTHKTCLNYVLENPYWNVKGNFFCYLNDHNENTIVDP
SVIYFDFANPLLAQEG
;
_entity_poly.pdbx_strand_id   A
#
loop_
_chem_comp.id
_chem_comp.type
_chem_comp.name
_chem_comp.formula
SO4 non-polymer 'SULFATE ION' 'O4 S -2'
#
# COMPACT_ATOMS: atom_id res chain seq x y z
N THR A 11 21.11 3.72 18.17
CA THR A 11 19.82 4.39 18.19
C THR A 11 19.30 4.41 16.76
N LEU A 12 18.15 5.00 16.53
CA LEU A 12 17.66 5.07 15.16
C LEU A 12 16.51 6.06 15.10
N ASP A 13 16.10 6.37 13.87
CA ASP A 13 14.91 7.18 13.58
C ASP A 13 14.34 6.65 12.28
N VAL A 14 13.18 6.00 12.36
CA VAL A 14 12.64 5.28 11.22
C VAL A 14 12.20 6.26 10.13
N ALA A 15 11.59 7.38 10.53
CA ALA A 15 11.18 8.37 9.54
C ALA A 15 12.37 8.91 8.78
N ALA A 16 13.44 9.26 9.51
CA ALA A 16 14.68 9.70 8.89
C ALA A 16 15.22 8.64 7.95
N GLN A 17 15.15 7.37 8.36
CA GLN A 17 15.75 6.32 7.55
C GLN A 17 15.07 6.22 6.19
N CYS A 18 13.77 6.52 6.11
CA CYS A 18 13.06 6.55 4.82
C CYS A 18 13.61 7.65 3.92
N PHE A 19 13.83 8.84 4.46
CA PHE A 19 14.36 9.94 3.65
C PHE A 19 15.74 9.59 3.10
N LEU A 20 16.60 8.98 3.94
CA LEU A 20 17.97 8.67 3.52
C LEU A 20 18.01 7.49 2.55
N ASN A 21 17.27 6.42 2.84
CA ASN A 21 17.31 5.26 1.96
C ASN A 21 16.73 5.61 0.59
N SER A 22 15.73 6.48 0.57
CA SER A 22 15.19 6.98 -0.70
C SER A 22 16.23 7.78 -1.46
N LEU A 23 16.95 8.68 -0.76
CA LEU A 23 18.01 9.46 -1.39
C LEU A 23 19.11 8.54 -1.94
N VAL A 24 19.60 7.61 -1.12
CA VAL A 24 20.69 6.73 -1.50
C VAL A 24 20.32 5.86 -2.68
N ARG A 25 19.07 5.37 -2.72
CA ARG A 25 18.63 4.54 -3.83
C ARG A 25 18.58 5.31 -5.16
N GLU A 26 18.32 6.62 -5.15
CA GLU A 26 18.14 7.35 -6.39
C GLU A 26 19.31 8.26 -6.75
N THR A 27 20.46 8.12 -6.07
CA THR A 27 21.63 8.92 -6.38
C THR A 27 22.86 8.03 -6.40
N LYS A 28 23.86 8.44 -7.18
CA LYS A 28 25.12 7.70 -7.25
C LYS A 28 26.21 8.35 -6.41
N ASP A 29 25.97 9.57 -5.90
CA ASP A 29 27.02 10.35 -5.23
C ASP A 29 26.98 10.14 -3.72
N TRP A 30 27.43 8.98 -3.28
CA TRP A 30 27.67 8.73 -1.86
C TRP A 30 28.90 7.83 -1.75
N ARG A 31 29.42 7.69 -0.53
CA ARG A 31 30.58 6.84 -0.28
C ARG A 31 30.29 5.85 0.82
N LEU A 32 30.78 4.63 0.64
CA LEU A 32 30.70 3.56 1.63
C LEU A 32 32.13 3.19 2.02
N THR A 33 32.46 3.37 3.31
CA THR A 33 33.85 3.23 3.72
C THR A 33 34.30 1.78 3.66
N GLU A 34 35.50 1.55 3.16
CA GLU A 34 36.09 0.23 3.12
C GLU A 34 36.43 -0.25 4.53
N TYR A 35 36.74 0.69 5.40
CA TYR A 35 37.18 0.39 6.75
C TYR A 35 36.01 0.46 7.75
N GLN A 36 36.22 -0.18 8.90
CA GLN A 36 35.18 -0.25 9.94
C GLN A 36 35.59 0.55 11.18
N PRO A 37 34.61 1.07 11.96
CA PRO A 37 33.15 1.00 11.81
C PRO A 37 32.64 1.60 10.50
N THR A 38 31.83 0.82 9.79
CA THR A 38 31.37 1.22 8.46
C THR A 38 30.56 2.51 8.53
N GLN A 39 30.84 3.42 7.60
CA GLN A 39 30.13 4.68 7.50
C GLN A 39 29.62 4.84 6.08
N LEU A 40 28.52 5.56 5.94
CA LEU A 40 28.05 6.01 4.65
C LEU A 40 28.16 7.52 4.63
N ILE A 41 28.77 8.06 3.57
CA ILE A 41 29.12 9.46 3.48
C ILE A 41 28.39 10.09 2.30
N ILE A 42 27.68 11.19 2.55
CA ILE A 42 27.04 11.99 1.51
C ILE A 42 27.77 13.33 1.43
N PRO A 43 28.50 13.61 0.35
CA PRO A 43 29.19 14.91 0.22
C PRO A 43 28.18 16.02 0.05
N LEU A 44 28.45 17.17 0.65
CA LEU A 44 27.55 18.30 0.53
C LEU A 44 28.16 19.41 -0.27
N GLY A 45 29.40 19.20 -0.67
CA GLY A 45 30.10 20.21 -1.42
C GLY A 45 30.71 21.14 -0.39
N GLU A 46 31.57 22.04 -0.82
CA GLU A 46 32.18 22.96 0.11
C GLU A 46 33.02 22.30 1.19
N GLN A 47 33.74 21.21 0.87
CA GLN A 47 34.59 20.56 1.86
C GLN A 47 33.73 20.27 3.07
N GLN A 48 32.59 19.65 2.82
CA GLN A 48 31.61 19.38 3.86
C GLN A 48 30.85 18.11 3.51
N ALA A 49 30.55 17.27 4.49
CA ALA A 49 29.85 16.03 4.16
C ALA A 49 29.20 15.43 5.41
N LEU A 50 28.08 14.74 5.19
CA LEU A 50 27.37 14.04 6.25
C LEU A 50 27.88 12.61 6.39
N HIS A 51 28.15 12.20 7.62
CA HIS A 51 28.62 10.85 7.91
C HIS A 51 27.55 10.09 8.69
N PHE A 52 27.29 8.85 8.30
CA PHE A 52 26.31 8.03 8.99
C PHE A 52 26.98 6.73 9.39
N ARG A 53 27.04 6.44 10.68
CA ARG A 53 27.42 5.10 11.11
C ARG A 53 26.38 4.10 10.61
N VAL A 54 26.84 3.04 9.96
CA VAL A 54 25.96 2.04 9.35
C VAL A 54 25.81 0.86 10.31
N ALA A 55 24.57 0.58 10.70
CA ALA A 55 24.28 -0.62 11.48
C ALA A 55 23.93 -1.80 10.57
N TYR A 56 23.23 -1.53 9.47
CA TYR A 56 22.92 -2.55 8.50
C TYR A 56 23.05 -1.97 7.09
N PHE A 57 23.96 -2.54 6.29
CA PHE A 57 24.07 -2.16 4.89
C PHE A 57 23.31 -3.19 4.06
N SER A 58 22.48 -2.70 3.15
CA SER A 58 21.54 -3.53 2.41
C SER A 58 21.85 -3.47 0.91
N PRO A 59 21.91 -4.61 0.21
CA PRO A 59 22.10 -4.56 -1.25
C PRO A 59 20.90 -3.98 -1.98
N THR A 60 19.75 -3.85 -1.33
CA THR A 60 18.57 -3.25 -1.93
C THR A 60 18.23 -1.90 -1.31
N GLN A 61 19.15 -1.30 -0.55
CA GLN A 61 19.01 0.02 0.06
C GLN A 61 18.04 0.06 1.23
N HIS A 62 17.71 -1.08 1.83
CA HIS A 62 16.97 -1.06 3.10
C HIS A 62 17.93 -0.86 4.27
N HIS A 63 18.75 0.20 4.22
CA HIS A 63 19.79 0.41 5.23
C HIS A 63 19.15 0.80 6.56
N ARG A 64 19.85 0.49 7.66
CA ARG A 64 19.55 1.03 8.97
C ARG A 64 20.81 1.73 9.46
N PHE A 65 20.71 3.02 9.76
CA PHE A 65 21.82 3.81 10.29
C PHE A 65 21.66 4.01 11.79
N GLU A 66 22.79 4.14 12.49
CA GLU A 66 22.76 4.61 13.86
C GLU A 66 22.78 6.13 13.86
N PHE A 67 21.98 6.74 14.71
CA PHE A 67 21.97 8.19 14.81
C PHE A 67 22.60 8.60 16.15
N PRO A 68 23.08 9.85 16.24
CA PRO A 68 22.94 10.94 15.26
C PRO A 68 23.89 10.87 14.05
N ALA A 69 23.45 11.48 12.97
CA ALA A 69 24.33 11.84 11.89
C ALA A 69 25.38 12.84 12.37
N ARG A 70 26.48 12.91 11.64
CA ARG A 70 27.53 13.87 11.96
C ARG A 70 27.83 14.68 10.71
N LEU A 71 28.24 15.92 10.92
CA LEU A 71 28.67 16.82 9.85
C LEU A 71 30.18 17.04 9.99
N VAL A 72 30.93 16.73 8.93
CA VAL A 72 32.38 16.86 8.95
C VAL A 72 32.79 18.04 8.07
N THR A 73 33.47 19.00 8.69
CA THR A 73 33.97 20.20 8.03
C THR A 73 35.50 20.19 8.09
N ALA A 74 36.11 21.25 7.54
CA ALA A 74 37.55 21.38 7.61
C ALA A 74 38.03 21.55 9.05
N SER A 75 37.18 22.07 9.93
CA SER A 75 37.55 22.27 11.33
C SER A 75 37.43 20.97 12.12
N GLY A 76 36.24 20.38 12.13
CA GLY A 76 36.04 19.15 12.86
C GLY A 76 34.70 18.54 12.51
N SER A 77 34.19 17.72 13.41
CA SER A 77 32.87 17.15 13.24
C SER A 77 32.01 17.41 14.46
N HIS A 78 30.71 17.52 14.23
CA HIS A 78 29.73 17.70 15.29
C HIS A 78 28.45 17.02 14.86
N PRO A 79 27.66 16.48 15.79
CA PRO A 79 26.39 15.85 15.42
C PRO A 79 25.42 16.86 14.83
N VAL A 80 24.46 16.35 14.05
CA VAL A 80 23.37 17.17 13.52
C VAL A 80 22.07 16.39 13.62
N ASP A 81 20.98 17.09 13.95
CA ASP A 81 19.66 16.49 14.03
C ASP A 81 19.07 16.37 12.61
N PHE A 82 17.89 15.74 12.52
CA PHE A 82 17.30 15.47 11.21
C PHE A 82 16.89 16.76 10.49
N ALA A 83 16.41 17.76 11.22
CA ALA A 83 16.07 19.03 10.58
C ALA A 83 17.27 19.61 9.86
N THR A 84 18.46 19.52 10.47
CA THR A 84 19.65 20.12 9.86
C THR A 84 20.16 19.33 8.67
N LEU A 85 20.21 17.98 8.78
CA LEU A 85 20.79 17.22 7.68
C LEU A 85 19.88 17.22 6.47
N SER A 86 18.56 17.22 6.69
CA SER A 86 17.64 17.27 5.56
C SER A 86 17.69 18.61 4.85
N ARG A 87 17.94 19.69 5.59
CA ARG A 87 18.08 20.98 4.95
C ARG A 87 19.39 21.07 4.16
N LEU A 88 20.49 20.63 4.74
CA LEU A 88 21.77 20.60 4.02
C LEU A 88 21.63 19.84 2.71
N ILE A 89 21.02 18.66 2.76
CA ILE A 89 20.85 17.85 1.56
C ILE A 89 20.00 18.58 0.52
N VAL A 90 18.89 19.19 0.95
CA VAL A 90 18.02 19.87 -0.01
C VAL A 90 18.71 21.11 -0.58
N ASP A 91 19.53 21.81 0.20
CA ASP A 91 20.36 22.87 -0.35
C ASP A 91 21.29 22.35 -1.44
N LYS A 92 21.96 21.22 -1.21
CA LYS A 92 22.88 20.68 -2.20
C LYS A 92 22.16 20.36 -3.50
N LEU A 93 21.01 19.69 -3.40
CA LEU A 93 20.23 19.36 -4.59
C LEU A 93 19.68 20.61 -5.27
N GLN A 94 19.34 21.64 -4.49
CA GLN A 94 18.92 22.91 -5.05
C GLN A 94 19.96 23.45 -6.02
N HIS A 95 21.22 23.55 -5.56
CA HIS A 95 22.30 24.09 -6.37
C HIS A 95 22.75 23.10 -7.45
N GLN A 96 22.91 21.83 -7.08
CA GLN A 96 23.37 20.83 -8.04
C GLN A 96 22.43 20.72 -9.24
N LEU A 97 21.12 20.81 -9.00
CA LEU A 97 20.12 20.65 -10.04
C LEU A 97 19.50 21.98 -10.48
N LEU A 98 20.01 23.11 -9.96
CA LEU A 98 19.48 24.46 -10.20
C LEU A 98 17.96 24.50 -10.10
N LEU A 99 17.47 24.34 -8.86
CA LEU A 99 16.04 24.23 -8.60
C LEU A 99 15.47 25.50 -7.94
N PRO A 100 14.19 25.78 -8.13
CA PRO A 100 13.58 26.94 -7.47
C PRO A 100 13.64 26.78 -5.95
N ALA A 101 14.12 27.84 -5.27
CA ALA A 101 14.17 27.84 -3.81
C ALA A 101 12.80 27.60 -3.19
N THR A 102 11.73 27.98 -3.90
CA THR A 102 10.39 27.83 -3.36
C THR A 102 9.97 26.36 -3.29
N SER A 103 10.14 25.63 -4.40
CA SER A 103 9.81 24.20 -4.39
C SER A 103 10.74 23.39 -3.50
N CYS A 104 11.97 23.88 -3.25
CA CYS A 104 12.84 23.24 -2.27
C CYS A 104 12.37 23.50 -0.85
N GLU A 105 11.95 24.73 -0.55
CA GLU A 105 11.40 25.03 0.78
C GLU A 105 10.14 24.20 1.04
N THR A 106 9.24 24.15 0.07
CA THR A 106 8.06 23.29 0.17
C THR A 106 8.46 21.84 0.44
N PHE A 107 9.44 21.34 -0.30
CA PHE A 107 9.86 19.95 -0.13
C PHE A 107 10.36 19.69 1.28
N HIS A 108 11.24 20.56 1.79
CA HIS A 108 11.78 20.37 3.14
C HIS A 108 10.71 20.56 4.19
N GLN A 109 9.80 21.51 3.98
CA GLN A 109 8.68 21.67 4.89
C GLN A 109 7.87 20.39 4.98
N ARG A 110 7.60 19.74 3.85
CA ARG A 110 6.80 18.52 3.88
C ARG A 110 7.58 17.37 4.51
N VAL A 111 8.90 17.32 4.25
CA VAL A 111 9.75 16.32 4.88
C VAL A 111 9.70 16.40 6.40
N MET A 112 9.76 17.62 6.94
CA MET A 112 9.73 17.76 8.40
C MET A 112 8.36 17.45 9.00
N GLU A 113 7.27 17.78 8.28
CA GLU A 113 5.94 17.47 8.78
C GLU A 113 5.71 15.96 8.87
N SER A 114 6.16 15.23 7.83
CA SER A 114 6.04 13.78 7.84
C SER A 114 6.84 13.18 9.00
N HIS A 115 8.05 13.70 9.23
CA HIS A 115 8.89 13.25 10.33
C HIS A 115 8.26 13.55 11.69
N ALA A 116 7.47 14.62 11.79
CA ALA A 116 6.77 14.89 13.04
C ALA A 116 5.53 14.01 13.17
N HIS A 117 4.71 13.91 12.11
CA HIS A 117 3.56 13.01 12.14
C HIS A 117 3.96 11.58 12.50
N THR A 118 5.10 11.10 11.95
CA THR A 118 5.58 9.77 12.25
C THR A 118 6.01 9.65 13.71
N GLN A 119 6.71 10.66 14.22
CA GLN A 119 7.18 10.61 15.61
C GLN A 119 6.05 10.62 16.63
N GLN A 120 4.98 11.34 16.32
CA GLN A 120 3.81 11.36 17.17
C GLN A 120 3.05 10.03 17.14
N ALA A 121 2.94 9.42 15.97
CA ALA A 121 2.30 8.12 15.86
C ALA A 121 3.04 7.10 16.71
N ILE A 122 4.38 7.22 16.78
CA ILE A 122 5.17 6.34 17.64
C ILE A 122 4.90 6.62 19.11
N ASP A 123 4.80 7.89 19.49
CA ASP A 123 4.56 8.21 20.90
C ASP A 123 3.20 7.72 21.37
N ALA A 124 2.22 7.68 20.48
CA ALA A 124 0.89 7.21 20.85
C ALA A 124 0.83 5.69 21.00
N ARG A 125 1.62 4.96 20.21
CA ARG A 125 1.54 3.50 20.17
C ARG A 125 2.68 2.90 21.00
N HIS A 126 2.41 2.83 22.28
CA HIS A 126 3.26 2.18 23.24
C HIS A 126 2.86 0.70 23.29
N ASP A 127 1.75 0.35 22.73
CA ASP A 127 1.40 -1.02 22.71
C ASP A 127 2.07 -1.74 21.53
N TRP A 128 2.86 -1.05 20.73
CA TRP A 128 3.27 -1.64 19.45
C TRP A 128 4.10 -2.89 19.64
N ALA A 129 5.09 -2.84 20.54
CA ALA A 129 5.94 -4.01 20.76
C ALA A 129 5.15 -5.27 21.06
N ALA A 130 3.97 -5.12 21.69
CA ALA A 130 3.16 -6.27 22.07
C ALA A 130 2.52 -6.94 20.87
N LEU A 131 2.43 -6.24 19.75
CA LEU A 131 2.04 -6.88 18.49
C LEU A 131 2.99 -8.02 18.10
N ARG A 132 4.20 -8.08 18.66
CA ARG A 132 5.13 -9.16 18.34
C ARG A 132 4.74 -10.50 18.96
N GLU A 133 3.78 -10.48 19.89
CA GLU A 133 3.61 -11.59 20.82
C GLU A 133 2.93 -12.77 20.18
N LYS A 134 2.03 -12.53 19.22
CA LYS A 134 1.24 -13.62 18.67
C LYS A 134 0.75 -13.27 17.28
N ALA A 135 0.28 -14.30 16.56
CA ALA A 135 -0.29 -14.10 15.24
C ALA A 135 -1.33 -13.00 15.25
N LEU A 136 -1.17 -12.04 14.35
CA LEU A 136 -2.13 -10.96 14.17
C LEU A 136 -3.25 -11.38 13.22
N ASN A 137 -4.47 -10.92 13.50
CA ASN A 137 -5.56 -11.08 12.56
C ASN A 137 -5.57 -9.90 11.59
N PHE A 138 -6.51 -9.91 10.63
CA PHE A 138 -6.51 -8.90 9.57
C PHE A 138 -6.53 -7.46 10.11
N GLY A 139 -7.44 -7.17 11.05
CA GLY A 139 -7.57 -5.78 11.50
C GLY A 139 -6.37 -5.29 12.31
N GLU A 140 -5.85 -6.12 13.19
CA GLU A 140 -4.60 -5.82 13.90
C GLU A 140 -3.46 -5.50 12.92
N ALA A 141 -3.31 -6.30 11.83
CA ALA A 141 -2.24 -6.04 10.86
C ALA A 141 -2.45 -4.71 10.13
N GLU A 142 -3.70 -4.38 9.75
CA GLU A 142 -3.98 -3.13 9.06
C GLU A 142 -3.57 -1.91 9.90
N GLN A 143 -3.75 -1.98 11.20
CA GLN A 143 -3.44 -0.88 12.05
C GLN A 143 -2.10 -0.90 12.72
N ALA A 144 -1.26 -1.85 12.35
CA ALA A 144 0.08 -1.93 12.92
C ALA A 144 1.09 -1.10 12.13
N LEU A 145 0.64 -0.43 11.07
CA LEU A 145 1.52 0.27 10.13
C LEU A 145 1.74 1.70 10.59
N LEU A 146 2.97 2.01 11.01
CA LEU A 146 3.32 3.35 11.47
C LEU A 146 3.99 4.19 10.40
N VAL A 147 4.82 3.60 9.54
CA VAL A 147 5.35 4.27 8.36
C VAL A 147 5.17 3.35 7.16
N GLY A 148 4.44 3.81 6.15
CA GLY A 148 4.00 2.92 5.09
C GLY A 148 4.82 2.92 3.81
N HIS A 149 5.75 3.87 3.68
CA HIS A 149 6.56 4.00 2.46
C HIS A 149 8.04 4.14 2.85
N ALA A 150 8.76 3.02 2.79
CA ALA A 150 10.16 2.97 3.20
C ALA A 150 11.10 3.73 2.28
N PHE A 151 10.66 4.13 1.08
CA PHE A 151 11.50 4.80 0.10
C PHE A 151 10.81 6.04 -0.43
N HIS A 152 10.14 6.75 0.48
CA HIS A 152 9.55 8.03 0.15
C HIS A 152 10.09 9.08 1.10
N PRO A 153 10.43 10.27 0.60
CA PRO A 153 10.96 11.33 1.48
C PRO A 153 10.00 11.74 2.60
N ALA A 154 8.71 11.83 2.28
CA ALA A 154 7.67 12.31 3.20
C ALA A 154 6.47 11.40 3.11
N PRO A 155 6.52 10.22 3.77
CA PRO A 155 5.42 9.25 3.69
C PRO A 155 4.13 9.72 4.36
N LYS A 156 4.21 10.09 5.64
CA LYS A 156 3.03 10.37 6.46
C LYS A 156 2.54 11.80 6.22
N SER A 157 1.35 11.93 5.64
CA SER A 157 0.64 13.19 5.58
C SER A 157 -0.73 13.00 6.22
N HIS A 158 -1.16 13.97 7.01
CA HIS A 158 -2.41 13.90 7.71
C HIS A 158 -3.53 14.51 6.91
N GLU A 159 -3.25 14.88 5.67
CA GLU A 159 -4.29 15.50 4.87
C GLU A 159 -5.47 14.55 4.80
N PRO A 160 -6.76 15.03 5.00
CA PRO A 160 -6.91 16.46 5.33
C PRO A 160 -7.21 16.83 6.80
N PHE A 161 -7.00 15.94 7.74
CA PHE A 161 -7.29 16.13 9.17
C PHE A 161 -6.39 17.00 10.05
N ASN A 162 -6.86 17.19 11.28
CA ASN A 162 -6.20 17.96 12.33
C ASN A 162 -6.12 17.13 13.62
N GLN A 163 -4.93 16.84 14.11
CA GLN A 163 -4.82 16.05 15.31
C GLN A 163 -6.05 15.35 15.84
N GLN A 164 -6.93 15.99 16.57
CA GLN A 164 -8.07 15.22 17.07
C GLN A 164 -8.76 14.46 15.94
N GLU A 165 -8.85 15.07 14.76
CA GLU A 165 -9.45 14.38 13.63
C GLU A 165 -8.52 13.30 13.09
N ALA A 166 -7.20 13.52 13.18
CA ALA A 166 -6.25 12.51 12.74
C ALA A 166 -6.19 11.33 13.70
N GLU A 167 -6.37 11.57 15.00
CA GLU A 167 -6.39 10.47 15.95
C GLU A 167 -7.66 9.62 15.85
N ARG A 168 -8.71 10.15 15.24
CA ARG A 168 -9.92 9.33 15.07
C ARG A 168 -9.96 8.59 13.75
N TYR A 169 -9.31 9.11 12.71
CA TYR A 169 -9.52 8.59 11.36
C TYR A 169 -8.30 7.94 10.74
N LEU A 170 -7.13 8.05 11.36
CA LEU A 170 -5.95 7.42 10.75
C LEU A 170 -5.63 6.10 11.43
N PRO A 171 -5.27 5.08 10.64
CA PRO A 171 -4.94 3.78 11.24
C PRO A 171 -3.78 3.84 12.20
N ASP A 172 -2.92 4.86 12.07
CA ASP A 172 -1.76 5.01 12.96
C ASP A 172 -2.15 4.86 14.42
N PHE A 173 -3.33 5.32 14.78
CA PHE A 173 -3.74 5.41 16.18
C PHE A 173 -4.68 4.29 16.59
N ALA A 174 -4.86 3.29 15.72
CA ALA A 174 -5.76 2.17 15.95
C ALA A 174 -7.14 2.58 16.46
N PRO A 175 -7.85 3.51 15.76
CA PRO A 175 -9.17 3.92 16.22
C PRO A 175 -10.26 3.06 15.61
N HIS A 176 -11.49 3.32 16.01
CA HIS A 176 -12.66 2.77 15.35
C HIS A 176 -13.84 3.72 15.59
N PHE A 177 -14.85 3.63 14.74
CA PHE A 177 -15.92 4.60 14.76
C PHE A 177 -17.08 4.07 13.93
N PRO A 178 -18.28 4.62 14.12
CA PRO A 178 -19.41 4.21 13.29
C PRO A 178 -19.52 5.09 12.05
N LEU A 179 -20.22 4.58 11.05
CA LEU A 179 -20.40 5.39 9.86
C LEU A 179 -21.47 6.46 10.09
N ARG A 180 -21.47 7.46 9.22
CA ARG A 180 -22.53 8.42 9.13
C ARG A 180 -23.48 8.08 7.98
N TRP A 181 -24.75 8.45 8.12
CA TRP A 181 -25.78 7.94 7.23
C TRP A 181 -26.73 9.04 6.82
N PHE A 182 -27.12 9.03 5.54
CA PHE A 182 -28.19 9.85 5.00
C PHE A 182 -29.34 8.95 4.57
N ALA A 183 -30.57 9.42 4.73
CA ALA A 183 -31.69 8.92 3.95
C ALA A 183 -31.80 9.77 2.70
N VAL A 184 -31.68 9.16 1.53
CA VAL A 184 -31.55 9.89 0.27
C VAL A 184 -32.62 9.43 -0.71
N ASN A 185 -33.29 10.40 -1.34
CA ASN A 185 -34.26 10.04 -2.36
C ASN A 185 -33.57 9.31 -3.51
N LYS A 186 -34.21 8.23 -3.97
CA LYS A 186 -33.72 7.39 -5.06
C LYS A 186 -33.30 8.18 -6.30
N THR A 187 -33.91 9.36 -6.54
CA THR A 187 -33.51 10.15 -7.69
C THR A 187 -32.08 10.66 -7.55
N GLN A 188 -31.62 10.91 -6.32
CA GLN A 188 -30.31 11.52 -6.10
C GLN A 188 -29.21 10.49 -5.84
N ILE A 189 -29.48 9.21 -6.09
CA ILE A 189 -28.50 8.16 -5.88
C ILE A 189 -28.13 7.58 -7.23
N ALA A 190 -26.83 7.55 -7.51
CA ALA A 190 -26.29 6.85 -8.66
C ALA A 190 -25.37 5.75 -8.16
N GLY A 191 -25.19 4.73 -8.98
CA GLY A 191 -24.29 3.66 -8.61
C GLY A 191 -24.72 2.35 -9.27
N GLU A 192 -23.98 1.31 -8.96
CA GLU A 192 -24.18 0.00 -9.53
C GLU A 192 -23.79 -1.09 -8.58
N SER A 193 -24.24 -2.28 -8.87
CA SER A 193 -23.86 -3.44 -8.08
C SER A 193 -24.08 -4.71 -8.87
N LEU A 194 -23.25 -5.72 -8.57
CA LEU A 194 -23.40 -7.05 -9.15
C LEU A 194 -24.13 -7.96 -8.17
N HIS A 195 -24.74 -9.02 -8.67
CA HIS A 195 -25.43 -10.07 -7.87
C HIS A 195 -26.70 -9.52 -7.26
N LEU A 196 -26.56 -8.53 -6.42
CA LEU A 196 -27.67 -7.70 -6.00
C LEU A 196 -27.62 -6.42 -6.80
N ASN A 197 -28.79 -5.88 -7.17
CA ASN A 197 -28.82 -4.55 -7.79
C ASN A 197 -28.49 -3.50 -6.71
N LEU A 198 -28.41 -2.23 -7.12
CA LEU A 198 -27.94 -1.20 -6.20
C LEU A 198 -28.86 -1.08 -5.00
N GLN A 199 -30.18 -1.10 -5.22
CA GLN A 199 -31.15 -0.95 -4.13
C GLN A 199 -30.98 -2.06 -3.10
N GLN A 200 -30.71 -3.28 -3.55
CA GLN A 200 -30.53 -4.42 -2.67
C GLN A 200 -29.18 -4.41 -1.96
N ARG A 201 -28.18 -3.85 -2.59
CA ARG A 201 -26.91 -3.70 -1.96
C ARG A 201 -26.94 -2.67 -0.81
N LEU A 202 -27.51 -1.49 -1.02
CA LEU A 202 -27.66 -0.46 -0.01
C LEU A 202 -28.53 -0.95 1.14
N THR A 203 -29.55 -1.76 0.80
CA THR A 203 -30.39 -2.40 1.82
C THR A 203 -29.61 -3.43 2.62
N ARG A 204 -28.84 -4.32 1.95
CA ARG A 204 -28.09 -5.33 2.71
C ARG A 204 -27.00 -4.67 3.54
N PHE A 205 -26.34 -3.66 2.98
CA PHE A 205 -25.29 -2.95 3.73
C PHE A 205 -25.87 -2.31 4.99
N ALA A 206 -26.98 -1.58 4.85
CA ALA A 206 -27.57 -0.89 6.01
C ALA A 206 -28.13 -1.88 7.03
N ALA A 207 -28.76 -2.97 6.58
CA ALA A 207 -29.27 -3.97 7.50
C ALA A 207 -28.16 -4.59 8.35
N GLU A 208 -27.02 -4.90 7.74
CA GLU A 208 -25.92 -5.48 8.50
C GLU A 208 -25.26 -4.49 9.45
N ASN A 209 -25.09 -3.23 9.03
CA ASN A 209 -24.24 -2.32 9.79
C ASN A 209 -24.97 -1.26 10.60
N ALA A 210 -26.22 -0.93 10.26
CA ALA A 210 -27.00 -0.02 11.12
C ALA A 210 -28.47 -0.40 11.06
N PRO A 211 -28.85 -1.60 11.48
CA PRO A 211 -30.25 -2.01 11.37
C PRO A 211 -31.23 -1.05 12.02
N GLN A 212 -30.82 -0.30 13.04
CA GLN A 212 -31.78 0.56 13.71
C GLN A 212 -32.20 1.75 12.85
N LEU A 213 -31.53 2.00 11.74
CA LEU A 213 -31.99 3.00 10.80
C LEU A 213 -32.96 2.43 9.77
N LEU A 214 -33.27 1.12 9.82
CA LEU A 214 -34.16 0.53 8.82
C LEU A 214 -35.58 1.11 8.87
N ASN A 215 -35.97 1.83 9.93
CA ASN A 215 -37.26 2.51 9.93
C ASN A 215 -37.28 3.68 8.96
N GLU A 216 -36.12 4.05 8.38
CA GLU A 216 -35.98 5.15 7.44
C GLU A 216 -35.97 4.68 5.99
N LEU A 217 -36.12 3.37 5.76
CA LEU A 217 -35.90 2.74 4.46
C LEU A 217 -37.23 2.52 3.74
N SER A 218 -37.37 3.05 2.52
CA SER A 218 -38.62 2.87 1.79
C SER A 218 -38.32 2.67 0.31
N ASP A 219 -39.38 2.43 -0.46
CA ASP A 219 -39.24 2.25 -1.91
C ASP A 219 -38.43 3.39 -2.52
N ASN A 220 -38.62 4.60 -2.03
CA ASN A 220 -38.02 5.79 -2.61
C ASN A 220 -36.93 6.43 -1.76
N GLN A 221 -36.87 6.12 -0.47
CA GLN A 221 -35.88 6.68 0.43
C GLN A 221 -34.90 5.55 0.78
N TRP A 222 -33.64 5.67 0.34
CA TRP A 222 -32.61 4.66 0.55
C TRP A 222 -31.56 5.16 1.54
N LEU A 223 -30.90 4.21 2.21
CA LEU A 223 -29.86 4.52 3.18
C LEU A 223 -28.50 4.59 2.49
N PHE A 224 -27.74 5.63 2.79
CA PHE A 224 -26.52 5.97 2.04
C PHE A 224 -25.41 6.18 3.06
N PRO A 225 -24.39 5.33 3.07
CA PRO A 225 -23.30 5.47 4.06
C PRO A 225 -22.30 6.55 3.66
N LEU A 226 -21.61 7.07 4.66
CA LEU A 226 -20.63 8.13 4.47
C LEU A 226 -19.55 7.98 5.52
N HIS A 227 -18.32 8.34 5.12
CA HIS A 227 -17.26 8.53 6.10
C HIS A 227 -17.68 9.65 7.05
N PRO A 228 -17.34 9.56 8.34
CA PRO A 228 -17.85 10.58 9.28
C PRO A 228 -17.31 11.98 9.01
N TRP A 229 -16.02 12.10 8.67
CA TRP A 229 -15.47 13.41 8.34
C TRP A 229 -16.00 13.89 7.00
N GLN A 230 -16.04 13.00 6.00
CA GLN A 230 -16.55 13.35 4.68
C GLN A 230 -18.02 13.71 4.73
N GLY A 231 -18.78 13.07 5.62
CA GLY A 231 -20.17 13.45 5.80
C GLY A 231 -20.31 14.89 6.29
N GLU A 232 -19.60 15.24 7.37
CA GLU A 232 -19.55 16.61 7.84
C GLU A 232 -19.18 17.57 6.72
N TYR A 233 -18.21 17.19 5.89
CA TYR A 233 -17.71 18.06 4.84
C TYR A 233 -18.79 18.34 3.80
N LEU A 234 -19.55 17.32 3.40
CA LEU A 234 -20.54 17.50 2.34
C LEU A 234 -21.67 18.40 2.79
N LEU A 235 -22.11 18.29 4.06
CA LEU A 235 -23.19 19.13 4.54
C LEU A 235 -22.80 20.62 4.60
N GLN A 236 -21.51 20.92 4.61
CA GLN A 236 -21.02 22.30 4.50
C GLN A 236 -21.06 22.83 3.08
N GLN A 237 -21.10 21.95 2.09
CA GLN A 237 -21.14 22.33 0.68
C GLN A 237 -22.50 22.89 0.32
N GLU A 238 -22.59 23.67 -0.77
CA GLU A 238 -23.84 24.33 -1.15
C GLU A 238 -24.79 23.39 -1.89
N TRP A 239 -24.27 22.63 -2.87
CA TRP A 239 -25.13 21.73 -3.65
C TRP A 239 -25.87 20.74 -2.75
N CYS A 240 -25.25 20.36 -1.63
CA CYS A 240 -25.82 19.38 -0.72
C CYS A 240 -26.81 20.01 0.24
N GLN A 241 -26.59 21.26 0.66
CA GLN A 241 -27.59 21.98 1.44
C GLN A 241 -28.86 22.21 0.65
N GLU A 242 -28.75 22.33 -0.66
CA GLU A 242 -29.93 22.46 -1.48
C GLU A 242 -30.73 21.19 -1.40
N LEU A 243 -30.08 20.04 -1.54
CA LEU A 243 -30.79 18.78 -1.46
C LEU A 243 -31.50 18.61 -0.12
N VAL A 244 -30.85 19.03 0.97
CA VAL A 244 -31.50 18.99 2.29
C VAL A 244 -32.71 19.92 2.31
N ALA A 245 -32.56 21.13 1.77
CA ALA A 245 -33.66 22.08 1.74
C ALA A 245 -34.84 21.55 0.96
N LYS A 246 -34.58 20.86 -0.15
CA LYS A 246 -35.65 20.34 -1.00
C LYS A 246 -36.30 19.06 -0.45
N GLY A 247 -35.83 18.53 0.69
CA GLY A 247 -36.37 17.29 1.20
C GLY A 247 -35.85 16.02 0.55
N LEU A 248 -34.72 16.09 -0.16
CA LEU A 248 -34.20 14.93 -0.87
C LEU A 248 -33.13 14.18 -0.07
N ILE A 249 -32.51 14.83 0.92
CA ILE A 249 -31.56 14.19 1.82
C ILE A 249 -31.91 14.57 3.25
N LYS A 250 -32.07 13.59 4.12
CA LYS A 250 -32.21 13.81 5.55
C LYS A 250 -31.00 13.19 6.25
N ASP A 251 -30.26 13.99 7.00
CA ASP A 251 -29.11 13.50 7.74
C ASP A 251 -29.57 12.67 8.92
N LEU A 252 -29.04 11.46 9.04
CA LEU A 252 -29.41 10.56 10.13
C LEU A 252 -28.35 10.45 11.21
N GLY A 253 -27.23 11.16 11.08
CA GLY A 253 -26.14 11.10 12.05
C GLY A 253 -25.34 9.80 11.95
N GLU A 254 -24.54 9.55 12.99
CA GLU A 254 -23.68 8.37 13.03
C GLU A 254 -24.41 7.24 13.70
N ALA A 255 -24.30 6.03 13.15
CA ALA A 255 -24.98 4.89 13.75
C ALA A 255 -24.33 3.59 13.31
N GLY A 256 -24.35 2.60 14.20
CA GLY A 256 -24.12 1.23 13.81
C GLY A 256 -22.83 0.58 14.25
N ALA A 257 -22.40 -0.42 13.49
CA ALA A 257 -21.25 -1.23 13.88
C ALA A 257 -19.96 -0.39 13.82
N PRO A 258 -18.95 -0.77 14.60
CA PRO A 258 -17.67 -0.06 14.52
C PRO A 258 -16.88 -0.43 13.25
N TRP A 259 -16.33 0.59 12.60
CA TRP A 259 -15.47 0.45 11.44
C TRP A 259 -14.09 0.94 11.82
N LEU A 260 -13.07 0.27 11.31
CA LEU A 260 -11.74 0.80 11.61
C LEU A 260 -10.98 1.10 10.32
N PRO A 261 -10.29 2.24 10.26
CA PRO A 261 -9.51 2.56 9.06
C PRO A 261 -8.35 1.59 8.88
N THR A 262 -8.11 1.22 7.63
CA THR A 262 -7.04 0.31 7.23
C THR A 262 -5.84 1.15 6.78
N THR A 263 -4.82 0.49 6.21
CA THR A 263 -3.62 1.21 5.76
C THR A 263 -3.95 2.34 4.82
N SER A 264 -5.02 2.22 4.04
CA SER A 264 -5.39 3.25 3.08
C SER A 264 -6.07 4.46 3.74
N SER A 265 -6.72 4.26 4.88
CA SER A 265 -7.41 5.33 5.62
C SER A 265 -8.74 5.74 4.99
N ARG A 266 -8.80 5.80 3.65
CA ARG A 266 -10.11 5.91 3.00
C ARG A 266 -10.89 4.62 3.10
N SER A 267 -10.21 3.49 3.27
CA SER A 267 -10.84 2.17 3.24
C SER A 267 -11.09 1.68 4.65
N LEU A 268 -12.30 1.21 4.91
CA LEU A 268 -12.70 0.83 6.24
C LEU A 268 -13.04 -0.66 6.28
N TYR A 269 -12.75 -1.28 7.41
CA TYR A 269 -13.05 -2.67 7.69
C TYR A 269 -13.99 -2.80 8.88
N CYS A 270 -15.04 -3.61 8.73
CA CYS A 270 -15.93 -3.99 9.82
C CYS A 270 -16.03 -5.50 9.83
N ALA A 271 -15.64 -6.11 10.96
CA ALA A 271 -15.50 -7.55 11.04
C ALA A 271 -16.81 -8.29 10.78
N THR A 272 -17.97 -7.65 10.99
CA THR A 272 -19.26 -8.30 10.80
C THR A 272 -19.95 -7.93 9.49
N SER A 273 -19.37 -7.04 8.68
CA SER A 273 -19.98 -6.66 7.41
C SER A 273 -19.48 -7.56 6.28
N ARG A 274 -20.40 -8.00 5.41
CA ARG A 274 -19.97 -8.73 4.22
C ARG A 274 -19.23 -7.84 3.23
N ASP A 275 -19.27 -6.52 3.41
CA ASP A 275 -18.60 -5.59 2.53
C ASP A 275 -17.64 -4.70 3.32
N MET A 276 -16.46 -4.48 2.75
CA MET A 276 -15.62 -3.38 3.16
C MET A 276 -16.07 -2.17 2.35
N ILE A 277 -15.58 -0.98 2.70
CA ILE A 277 -16.08 0.22 2.04
C ILE A 277 -14.91 1.18 1.85
N LYS A 278 -14.91 1.87 0.71
CA LYS A 278 -13.79 2.74 0.33
C LYS A 278 -14.38 4.07 -0.10
N PHE A 279 -14.07 5.13 0.64
CA PHE A 279 -14.71 6.42 0.42
C PHE A 279 -13.82 7.37 -0.36
N SER A 280 -14.48 8.23 -1.14
CA SER A 280 -13.80 9.41 -1.62
C SER A 280 -13.55 10.33 -0.42
N LEU A 281 -12.28 10.61 -0.14
CA LEU A 281 -11.90 11.34 1.05
C LEU A 281 -10.88 12.39 0.66
N SER A 282 -11.10 13.62 1.11
CA SER A 282 -10.33 14.77 0.66
C SER A 282 -8.87 14.72 1.14
N THR A 291 -9.62 10.90 -3.02
CA THR A 291 -10.74 11.18 -3.92
C THR A 291 -10.91 10.08 -4.99
N LEU A 292 -12.04 9.40 -4.93
CA LEU A 292 -12.44 8.44 -5.95
C LEU A 292 -12.98 9.17 -7.17
N SER A 293 -13.06 8.45 -8.28
CA SER A 293 -13.72 8.98 -9.46
C SER A 293 -14.58 7.89 -10.07
N VAL A 294 -15.48 8.31 -10.95
CA VAL A 294 -16.31 7.34 -11.64
C VAL A 294 -15.47 6.40 -12.47
N LYS A 295 -14.40 6.92 -13.10
CA LYS A 295 -13.52 6.05 -13.88
C LYS A 295 -12.85 5.02 -12.99
N GLU A 296 -12.37 5.42 -11.80
CA GLU A 296 -11.75 4.47 -10.88
C GLU A 296 -12.73 3.36 -10.47
N VAL A 297 -13.98 3.70 -10.15
CA VAL A 297 -14.88 2.63 -9.73
C VAL A 297 -15.29 1.76 -10.91
N LYS A 298 -15.23 2.28 -12.14
CA LYS A 298 -15.50 1.43 -13.31
C LYS A 298 -14.43 0.36 -13.49
N ARG A 299 -13.18 0.64 -13.10
CA ARG A 299 -12.15 -0.40 -13.09
C ARG A 299 -12.55 -1.57 -12.20
N GLY A 300 -13.15 -1.28 -11.02
CA GLY A 300 -13.63 -2.35 -10.16
C GLY A 300 -14.71 -3.17 -10.82
N MET A 301 -15.72 -2.50 -11.40
CA MET A 301 -16.84 -3.20 -12.02
C MET A 301 -16.39 -4.01 -13.24
N ARG A 302 -15.44 -3.51 -13.99
CA ARG A 302 -14.91 -4.24 -15.11
C ARG A 302 -14.23 -5.52 -14.69
N LEU A 303 -13.37 -5.46 -13.69
CA LEU A 303 -12.69 -6.66 -13.20
C LEU A 303 -13.70 -7.59 -12.54
N ALA A 304 -14.68 -7.02 -11.82
CA ALA A 304 -15.74 -7.84 -11.22
C ALA A 304 -16.56 -8.56 -12.30
N ARG A 305 -16.96 -7.84 -13.36
CA ARG A 305 -17.65 -8.55 -14.44
C ARG A 305 -16.74 -9.52 -15.16
N LEU A 306 -15.45 -9.20 -15.25
CA LEU A 306 -14.53 -10.13 -15.88
C LEU A 306 -14.38 -11.39 -15.02
N ALA A 307 -14.50 -11.24 -13.69
CA ALA A 307 -14.39 -12.40 -12.80
C ALA A 307 -15.58 -13.34 -12.88
N GLN A 308 -16.62 -13.02 -13.66
CA GLN A 308 -17.72 -13.95 -13.88
C GLN A 308 -17.49 -14.89 -15.07
N THR A 309 -16.41 -14.71 -15.84
CA THR A 309 -16.29 -15.43 -17.10
C THR A 309 -15.72 -16.82 -16.87
N ASP A 310 -15.68 -17.62 -17.92
CA ASP A 310 -15.18 -18.99 -17.78
C ASP A 310 -13.67 -19.03 -17.66
N ASP A 311 -12.96 -18.09 -18.30
CA ASP A 311 -11.51 -18.07 -18.17
C ASP A 311 -11.08 -17.59 -16.79
N TRP A 312 -11.82 -16.64 -16.20
CA TRP A 312 -11.54 -16.29 -14.82
C TRP A 312 -11.70 -17.53 -13.95
N GLN A 313 -12.75 -18.28 -14.21
CA GLN A 313 -13.03 -19.49 -13.46
C GLN A 313 -11.90 -20.47 -13.61
N THR A 314 -11.41 -20.67 -14.81
CA THR A 314 -10.28 -21.57 -15.06
C THR A 314 -9.04 -21.14 -14.28
N LEU A 315 -8.77 -19.83 -14.25
CA LEU A 315 -7.66 -19.29 -13.48
C LEU A 315 -7.85 -19.55 -11.98
N GLN A 316 -9.04 -19.28 -11.47
CA GLN A 316 -9.32 -19.53 -10.06
C GLN A 316 -9.13 -21.01 -9.74
N ALA A 317 -9.58 -21.89 -10.64
CA ALA A 317 -9.45 -23.33 -10.39
C ALA A 317 -8.00 -23.77 -10.37
N ARG A 318 -7.13 -23.07 -11.11
CA ARG A 318 -5.70 -23.37 -11.13
C ARG A 318 -4.99 -22.88 -9.87
N PHE A 319 -5.46 -21.79 -9.26
CA PHE A 319 -4.84 -21.23 -8.06
C PHE A 319 -5.90 -21.05 -6.97
N PRO A 320 -6.37 -22.15 -6.39
CA PRO A 320 -7.48 -22.03 -5.42
C PRO A 320 -7.13 -21.21 -4.18
N THR A 321 -5.86 -21.14 -3.80
CA THR A 321 -5.43 -20.34 -2.66
C THR A 321 -5.25 -18.86 -3.01
N PHE A 322 -5.47 -18.49 -4.28
CA PHE A 322 -5.35 -17.09 -4.72
C PHE A 322 -6.72 -16.46 -4.92
N ARG A 323 -6.95 -15.34 -4.26
CA ARG A 323 -8.26 -14.68 -4.27
CA ARG A 323 -8.26 -14.68 -4.25
C ARG A 323 -8.08 -13.19 -4.53
N VAL A 324 -9.02 -12.62 -5.28
CA VAL A 324 -9.15 -11.18 -5.45
C VAL A 324 -10.39 -10.71 -4.70
N MET A 325 -10.22 -9.70 -3.84
CA MET A 325 -11.35 -8.99 -3.24
C MET A 325 -11.96 -8.06 -4.28
N GLN A 326 -13.06 -8.50 -4.89
CA GLN A 326 -13.69 -7.73 -5.96
C GLN A 326 -14.36 -6.48 -5.39
N GLU A 327 -14.34 -5.42 -6.19
CA GLU A 327 -15.03 -4.16 -5.89
C GLU A 327 -16.21 -4.09 -6.86
N ASP A 328 -17.29 -4.82 -6.54
CA ASP A 328 -18.40 -5.04 -7.45
C ASP A 328 -19.63 -4.20 -7.12
N GLY A 329 -19.44 -3.06 -6.45
CA GLY A 329 -20.53 -2.12 -6.28
C GLY A 329 -19.99 -0.78 -5.90
N TRP A 330 -20.75 0.27 -6.22
CA TRP A 330 -20.37 1.63 -5.84
C TRP A 330 -21.63 2.48 -5.85
N ALA A 331 -21.53 3.67 -5.26
CA ALA A 331 -22.67 4.58 -5.27
C ALA A 331 -22.17 6.01 -5.06
N GLY A 332 -23.05 6.97 -5.36
CA GLY A 332 -22.75 8.38 -5.16
C GLY A 332 -23.98 9.26 -5.20
N LEU A 333 -23.81 10.48 -4.72
CA LEU A 333 -24.89 11.47 -4.67
C LEU A 333 -24.90 12.35 -5.92
N ARG A 334 -26.07 12.48 -6.53
CA ARG A 334 -26.30 13.41 -7.63
C ARG A 334 -26.81 14.73 -7.06
N ASP A 335 -26.41 15.83 -7.69
CA ASP A 335 -26.94 17.13 -7.25
C ASP A 335 -28.28 17.37 -7.93
N LEU A 336 -28.83 18.59 -7.79
CA LEU A 336 -30.11 18.92 -8.41
C LEU A 336 -30.08 18.77 -9.93
N HIS A 337 -28.93 19.00 -10.56
CA HIS A 337 -28.81 18.88 -12.01
C HIS A 337 -28.60 17.43 -12.48
N GLY A 338 -28.46 16.48 -11.55
CA GLY A 338 -28.19 15.11 -11.89
C GLY A 338 -26.72 14.76 -11.98
N ASN A 339 -25.83 15.69 -11.64
CA ASN A 339 -24.39 15.49 -11.76
C ASN A 339 -23.87 14.67 -10.58
N ILE A 340 -23.15 13.58 -10.88
CA ILE A 340 -22.57 12.77 -9.82
C ILE A 340 -21.47 13.56 -9.13
N MET A 341 -21.60 13.74 -7.82
CA MET A 341 -20.68 14.54 -7.01
C MET A 341 -19.62 13.60 -6.48
N GLN A 342 -18.43 13.63 -7.08
CA GLN A 342 -17.47 12.57 -6.79
C GLN A 342 -16.93 12.61 -5.37
N GLU A 343 -17.13 13.70 -4.68
CA GLU A 343 -16.68 13.81 -3.32
C GLU A 343 -17.56 12.96 -2.39
N SER A 344 -18.60 12.34 -2.94
CA SER A 344 -19.52 11.51 -2.18
C SER A 344 -19.40 10.05 -2.55
N LEU A 345 -18.49 9.69 -3.46
CA LEU A 345 -18.44 8.31 -3.92
C LEU A 345 -17.98 7.37 -2.82
N PHE A 346 -18.40 6.11 -2.95
CA PHE A 346 -17.76 5.01 -2.26
C PHE A 346 -17.83 3.79 -3.17
N ALA A 347 -16.93 2.86 -2.94
CA ALA A 347 -16.98 1.57 -3.58
C ALA A 347 -17.05 0.50 -2.49
N LEU A 348 -17.64 -0.64 -2.84
CA LEU A 348 -17.86 -1.74 -1.90
C LEU A 348 -16.98 -2.91 -2.31
N ARG A 349 -16.20 -3.40 -1.36
CA ARG A 349 -15.20 -4.44 -1.55
C ARG A 349 -15.61 -5.68 -0.76
N GLU A 350 -15.79 -6.81 -1.44
CA GLU A 350 -15.99 -8.09 -0.78
C GLU A 350 -15.11 -8.23 0.45
N ASN A 351 -15.74 -8.57 1.59
CA ASN A 351 -15.02 -8.90 2.82
C ASN A 351 -14.84 -10.41 2.85
N LEU A 352 -13.80 -10.90 2.18
CA LEU A 352 -13.57 -12.33 2.15
C LEU A 352 -13.25 -12.90 3.52
N LEU A 353 -13.03 -12.06 4.53
CA LEU A 353 -12.73 -12.52 5.88
C LEU A 353 -13.95 -12.46 6.81
N VAL A 354 -15.16 -12.21 6.28
CA VAL A 354 -16.31 -12.02 7.17
C VAL A 354 -16.60 -13.30 7.94
N ASP A 355 -16.37 -14.46 7.33
CA ASP A 355 -16.63 -15.75 7.95
C ASP A 355 -15.49 -16.25 8.82
N GLN A 356 -14.28 -15.71 8.67
CA GLN A 356 -13.13 -16.10 9.48
C GLN A 356 -12.38 -14.84 9.93
N PRO A 357 -12.99 -14.04 10.80
CA PRO A 357 -12.36 -12.76 11.19
C PRO A 357 -11.08 -12.90 11.97
N GLN A 358 -10.70 -14.10 12.41
CA GLN A 358 -9.44 -14.30 13.11
C GLN A 358 -8.39 -14.96 12.23
N SER A 359 -8.68 -15.11 10.94
CA SER A 359 -7.69 -15.52 9.96
C SER A 359 -6.39 -14.75 10.17
N GLN A 360 -5.25 -15.46 10.07
CA GLN A 360 -3.95 -14.77 10.05
C GLN A 360 -3.64 -14.32 8.63
N THR A 361 -4.48 -13.41 8.12
CA THR A 361 -4.28 -12.74 6.85
C THR A 361 -3.77 -11.34 7.18
N ASN A 362 -2.57 -11.02 6.71
CA ASN A 362 -1.89 -9.80 7.10
C ASN A 362 -1.36 -9.08 5.85
N VAL A 363 -1.49 -7.75 5.84
CA VAL A 363 -1.03 -6.93 4.73
C VAL A 363 0.50 -6.89 4.74
N LEU A 364 1.11 -7.06 3.57
CA LEU A 364 2.55 -7.36 3.53
C LEU A 364 3.38 -6.21 4.13
N VAL A 365 2.94 -4.96 3.95
CA VAL A 365 3.73 -3.80 4.38
C VAL A 365 3.85 -3.70 5.89
N SER A 366 2.84 -4.19 6.62
CA SER A 366 2.92 -4.17 8.07
C SER A 366 3.91 -5.20 8.58
N LEU A 367 3.99 -6.34 7.89
CA LEU A 367 4.96 -7.37 8.26
C LEU A 367 6.38 -6.88 8.02
N THR A 368 6.62 -6.22 6.88
CA THR A 368 7.98 -5.90 6.47
C THR A 368 8.52 -4.59 7.04
N GLN A 369 7.65 -3.68 7.51
CA GLN A 369 8.12 -2.38 8.00
C GLN A 369 9.15 -2.56 9.11
N ALA A 370 10.10 -1.64 9.14
CA ALA A 370 11.05 -1.62 10.24
C ALA A 370 10.33 -1.24 11.53
N ALA A 371 10.75 -1.84 12.62
CA ALA A 371 10.06 -1.65 13.89
C ALA A 371 10.43 -0.30 14.50
N PRO A 372 9.46 0.48 14.98
CA PRO A 372 9.78 1.80 15.54
C PRO A 372 10.78 1.76 16.70
N ASP A 373 10.85 0.66 17.45
CA ASP A 373 11.74 0.54 18.59
C ASP A 373 13.07 -0.15 18.26
N GLY A 374 13.36 -0.40 16.99
CA GLY A 374 14.59 -1.06 16.60
C GLY A 374 14.62 -2.58 16.77
N GLY A 375 13.58 -3.19 17.33
CA GLY A 375 13.52 -4.63 17.51
C GLY A 375 13.02 -5.35 16.27
N ASP A 376 12.50 -6.56 16.49
CA ASP A 376 12.06 -7.40 15.38
C ASP A 376 10.90 -6.79 14.61
N SER A 377 10.95 -6.87 13.29
CA SER A 377 9.78 -6.59 12.48
C SER A 377 8.75 -7.70 12.71
N LEU A 378 7.51 -7.42 12.34
CA LEU A 378 6.43 -8.38 12.60
C LEU A 378 6.54 -9.62 11.70
N LEU A 379 7.15 -9.47 10.52
CA LEU A 379 7.55 -10.63 9.72
C LEU A 379 8.53 -11.52 10.48
N VAL A 380 9.54 -10.91 11.09
CA VAL A 380 10.54 -11.68 11.82
C VAL A 380 9.93 -12.37 13.03
N ALA A 381 9.04 -11.68 13.76
CA ALA A 381 8.36 -12.32 14.88
C ALA A 381 7.58 -13.55 14.42
N ALA A 382 6.91 -13.45 13.27
CA ALA A 382 6.17 -14.58 12.73
C ALA A 382 7.11 -15.75 12.38
N VAL A 383 8.25 -15.46 11.73
CA VAL A 383 9.21 -16.49 11.37
C VAL A 383 9.81 -17.16 12.61
N LYS A 384 10.16 -16.38 13.64
CA LYS A 384 10.66 -17.00 14.87
C LYS A 384 9.64 -17.93 15.52
N ARG A 385 8.35 -17.55 15.52
CA ARG A 385 7.32 -18.50 15.97
C ARG A 385 7.28 -19.72 15.07
N LEU A 386 7.43 -19.54 13.76
CA LEU A 386 7.46 -20.69 12.86
C LEU A 386 8.60 -21.63 13.24
N SER A 387 9.81 -21.08 13.37
CA SER A 387 10.97 -21.78 13.91
C SER A 387 10.64 -22.59 15.17
N ASP A 388 10.03 -21.94 16.18
CA ASP A 388 9.77 -22.62 17.46
C ASP A 388 8.75 -23.74 17.31
N ARG A 389 7.64 -23.48 16.61
CA ARG A 389 6.57 -24.48 16.51
C ARG A 389 7.05 -25.74 15.79
N LEU A 390 7.86 -25.58 14.74
CA LEU A 390 8.33 -26.71 13.94
C LEU A 390 9.65 -27.30 14.43
N GLY A 391 10.33 -26.64 15.37
CA GLY A 391 11.60 -27.15 15.84
C GLY A 391 12.72 -27.05 14.80
N ILE A 392 12.69 -26.01 13.98
CA ILE A 392 13.71 -25.79 12.97
C ILE A 392 14.41 -24.47 13.27
N THR A 393 15.61 -24.30 12.73
CA THR A 393 16.37 -23.10 13.02
C THR A 393 15.65 -21.87 12.47
N ALA A 394 15.99 -20.72 13.06
CA ALA A 394 15.54 -19.43 12.54
C ALA A 394 15.80 -19.33 11.04
N GLN A 395 17.00 -19.70 10.59
CA GLN A 395 17.30 -19.58 9.16
C GLN A 395 16.46 -20.54 8.32
N GLN A 396 16.23 -21.75 8.82
CA GLN A 396 15.40 -22.69 8.08
C GLN A 396 13.94 -22.21 8.01
N ALA A 397 13.47 -21.54 9.06
CA ALA A 397 12.14 -20.97 8.98
C ALA A 397 12.10 -19.81 7.99
N ALA A 398 13.14 -18.97 8.00
CA ALA A 398 13.20 -17.88 7.03
C ALA A 398 13.16 -18.42 5.61
N HIS A 399 13.86 -19.54 5.33
CA HIS A 399 13.83 -20.14 3.99
C HIS A 399 12.44 -20.68 3.66
N ALA A 400 11.81 -21.35 4.62
CA ALA A 400 10.48 -21.89 4.39
C ALA A 400 9.47 -20.78 4.09
N TRP A 401 9.61 -19.61 4.73
CA TRP A 401 8.65 -18.55 4.55
C TRP A 401 8.85 -17.86 3.21
N VAL A 402 10.13 -17.65 2.81
CA VAL A 402 10.44 -17.11 1.49
C VAL A 402 9.94 -18.02 0.38
N ASP A 403 10.16 -19.33 0.53
CA ASP A 403 9.74 -20.28 -0.51
C ASP A 403 8.22 -20.31 -0.65
N ALA A 404 7.49 -20.30 0.47
CA ALA A 404 6.03 -20.32 0.38
C ALA A 404 5.49 -18.99 -0.16
N TYR A 405 6.11 -17.87 0.25
CA TYR A 405 5.79 -16.58 -0.34
C TYR A 405 5.85 -16.62 -1.87
N CYS A 406 6.93 -17.18 -2.43
CA CYS A 406 7.07 -17.27 -3.89
C CYS A 406 5.98 -18.13 -4.52
N HIS A 407 5.66 -19.27 -3.90
CA HIS A 407 4.63 -20.15 -4.46
CA HIS A 407 4.64 -20.16 -4.44
C HIS A 407 3.23 -19.59 -4.26
N GLN A 408 2.98 -18.84 -3.17
CA GLN A 408 1.65 -18.33 -2.89
C GLN A 408 1.40 -16.93 -3.43
N VAL A 409 2.44 -16.08 -3.48
CA VAL A 409 2.28 -14.71 -3.97
C VAL A 409 2.81 -14.54 -5.41
N LEU A 410 4.09 -14.86 -5.63
CA LEU A 410 4.69 -14.53 -6.92
C LEU A 410 4.15 -15.40 -8.04
N LYS A 411 4.00 -16.70 -7.78
CA LYS A 411 3.52 -17.60 -8.84
C LYS A 411 2.17 -17.19 -9.40
N PRO A 412 1.12 -16.89 -8.60
CA PRO A 412 -0.18 -16.51 -9.19
C PRO A 412 -0.11 -15.19 -9.95
N LEU A 413 0.66 -14.22 -9.47
CA LEU A 413 0.67 -12.91 -10.10
C LEU A 413 1.41 -12.92 -11.45
N PHE A 414 2.55 -13.62 -11.55
CA PHE A 414 3.22 -13.74 -12.85
C PHE A 414 2.41 -14.60 -13.82
N THR A 415 1.85 -15.72 -13.35
CA THR A 415 1.07 -16.57 -14.24
C THR A 415 -0.19 -15.83 -14.74
N ALA A 416 -0.76 -14.95 -13.91
CA ALA A 416 -1.96 -14.22 -14.34
C ALA A 416 -1.62 -13.26 -15.48
N GLU A 417 -0.53 -12.51 -15.34
CA GLU A 417 -0.10 -11.66 -16.43
C GLU A 417 0.23 -12.48 -17.67
N ALA A 418 0.97 -13.59 -17.49
CA ALA A 418 1.55 -14.30 -18.62
C ALA A 418 0.49 -15.07 -19.40
N ASP A 419 -0.33 -15.87 -18.72
CA ASP A 419 -1.25 -16.74 -19.44
C ASP A 419 -2.59 -16.08 -19.74
N TYR A 420 -2.95 -15.03 -19.01
CA TYR A 420 -4.27 -14.42 -19.10
C TYR A 420 -4.24 -12.95 -19.49
N GLY A 421 -3.09 -12.29 -19.43
CA GLY A 421 -3.03 -10.89 -19.78
C GLY A 421 -3.49 -9.94 -18.70
N LEU A 422 -3.75 -10.45 -17.49
CA LEU A 422 -4.22 -9.63 -16.37
C LEU A 422 -3.04 -9.12 -15.55
N VAL A 423 -2.94 -7.80 -15.44
CA VAL A 423 -1.86 -7.17 -14.70
C VAL A 423 -2.43 -6.66 -13.40
N LEU A 424 -1.86 -7.11 -12.28
CA LEU A 424 -2.25 -6.67 -10.95
C LEU A 424 -1.03 -6.03 -10.31
N LEU A 425 -1.10 -4.72 -10.09
CA LEU A 425 0.07 -3.98 -9.58
C LEU A 425 0.16 -4.22 -8.07
N ALA A 426 1.22 -4.89 -7.65
CA ALA A 426 1.28 -5.39 -6.29
C ALA A 426 2.11 -4.46 -5.41
N HIS A 427 1.58 -3.25 -5.19
CA HIS A 427 2.02 -2.46 -4.05
C HIS A 427 2.02 -3.35 -2.82
N GLN A 428 2.92 -3.06 -1.91
CA GLN A 428 3.02 -3.86 -0.71
C GLN A 428 1.74 -3.79 0.13
N GLN A 429 1.01 -2.66 0.08
CA GLN A 429 -0.24 -2.63 0.84
C GLN A 429 -1.40 -3.26 0.07
N ASN A 430 -1.19 -3.69 -1.17
CA ASN A 430 -2.22 -4.43 -1.90
C ASN A 430 -2.13 -5.93 -1.71
N ILE A 431 -1.13 -6.43 -0.99
CA ILE A 431 -0.88 -7.87 -0.86
C ILE A 431 -1.21 -8.29 0.55
N LEU A 432 -2.18 -9.21 0.66
CA LEU A 432 -2.58 -9.81 1.92
C LEU A 432 -2.04 -11.23 1.94
N VAL A 433 -1.15 -11.52 2.87
CA VAL A 433 -0.54 -12.84 2.95
C VAL A 433 -1.45 -13.66 3.86
N GLN A 434 -2.08 -14.68 3.30
CA GLN A 434 -2.90 -15.57 4.13
C GLN A 434 -1.94 -16.57 4.77
N MET A 435 -1.80 -16.50 6.08
CA MET A 435 -0.92 -17.42 6.78
C MET A 435 -1.72 -18.40 7.63
N LEU A 436 -1.12 -19.58 7.85
CA LEU A 436 -1.62 -20.59 8.78
C LEU A 436 -0.42 -21.00 9.63
N GLY A 437 -0.47 -20.69 10.92
CA GLY A 437 0.68 -20.94 11.76
C GLY A 437 1.95 -20.25 11.28
N ASP A 438 1.83 -18.99 10.87
CA ASP A 438 2.95 -18.14 10.49
C ASP A 438 3.57 -18.53 9.15
N LEU A 439 2.99 -19.50 8.42
CA LEU A 439 3.49 -19.85 7.09
C LEU A 439 2.49 -19.40 6.03
N PRO A 440 2.93 -18.77 4.94
CA PRO A 440 2.00 -18.41 3.85
C PRO A 440 1.34 -19.65 3.25
N VAL A 441 0.02 -19.67 3.22
CA VAL A 441 -0.76 -20.71 2.54
C VAL A 441 -1.66 -20.14 1.44
N GLY A 442 -1.71 -18.82 1.28
CA GLY A 442 -2.57 -18.25 0.25
C GLY A 442 -2.29 -16.77 0.07
N LEU A 443 -2.91 -16.23 -0.97
CA LEU A 443 -2.81 -14.82 -1.30
C LEU A 443 -4.21 -14.24 -1.48
N ILE A 444 -4.42 -13.04 -0.94
CA ILE A 444 -5.59 -12.24 -1.28
C ILE A 444 -5.09 -10.90 -1.82
N TYR A 445 -5.51 -10.55 -3.03
CA TYR A 445 -5.16 -9.26 -3.61
C TYR A 445 -6.33 -8.30 -3.42
N ARG A 446 -6.04 -7.05 -3.08
CA ARG A 446 -7.08 -6.01 -3.05
C ARG A 446 -6.53 -4.74 -3.68
N ASP A 447 -7.48 -3.90 -4.11
CA ASP A 447 -7.34 -2.62 -4.80
C ASP A 447 -7.42 -2.87 -6.30
N CYS A 448 -8.64 -3.16 -6.76
CA CYS A 448 -8.89 -3.43 -8.16
C CYS A 448 -8.63 -2.23 -9.07
N GLN A 449 -8.36 -1.06 -8.49
CA GLN A 449 -7.96 0.08 -9.30
C GLN A 449 -6.53 -0.07 -9.78
N GLY A 450 -5.76 -0.97 -9.16
CA GLY A 450 -4.41 -1.26 -9.59
C GLY A 450 -4.34 -2.42 -10.55
N SER A 451 -5.40 -2.61 -11.34
CA SER A 451 -5.42 -3.65 -12.37
C SER A 451 -5.36 -3.01 -13.77
N ALA A 452 -4.87 -3.80 -14.72
CA ALA A 452 -4.64 -3.35 -16.09
C ALA A 452 -4.62 -4.59 -16.98
N PHE A 453 -4.71 -4.36 -18.29
CA PHE A 453 -4.87 -5.47 -19.22
C PHE A 453 -3.86 -5.37 -20.36
N MET A 454 -3.26 -6.49 -20.68
CA MET A 454 -2.28 -6.57 -21.75
C MET A 454 -2.98 -6.86 -23.07
N PRO A 455 -2.34 -6.49 -24.20
CA PRO A 455 -2.93 -6.83 -25.51
C PRO A 455 -3.40 -8.26 -25.66
N HIS A 456 -2.73 -9.26 -25.06
CA HIS A 456 -3.26 -10.61 -25.23
C HIS A 456 -4.48 -10.93 -24.34
N ALA A 457 -5.00 -9.97 -23.56
CA ALA A 457 -6.27 -10.13 -22.86
C ALA A 457 -7.45 -9.55 -23.64
N ALA A 458 -7.21 -9.08 -24.88
CA ALA A 458 -8.26 -8.35 -25.59
C ALA A 458 -9.39 -9.27 -26.03
N GLY A 459 -9.05 -10.46 -26.54
CA GLY A 459 -10.08 -11.41 -26.88
C GLY A 459 -10.99 -11.71 -25.71
N TRP A 460 -10.39 -11.79 -24.51
CA TRP A 460 -11.15 -12.12 -23.31
C TRP A 460 -11.87 -10.90 -22.74
N LEU A 461 -11.28 -9.72 -22.79
CA LEU A 461 -12.05 -8.51 -22.49
C LEU A 461 -13.25 -8.36 -23.43
N ASP A 462 -13.10 -8.76 -24.69
CA ASP A 462 -14.16 -8.54 -25.68
C ASP A 462 -15.39 -9.40 -25.43
N THR A 463 -15.24 -10.54 -24.73
CA THR A 463 -16.39 -11.39 -24.46
C THR A 463 -17.38 -10.71 -23.51
N ILE A 464 -16.90 -9.75 -22.71
CA ILE A 464 -17.78 -8.93 -21.88
C ILE A 464 -17.90 -7.52 -22.43
N GLY A 465 -17.54 -7.30 -23.69
CA GLY A 465 -17.69 -5.99 -24.30
C GLY A 465 -16.78 -4.92 -23.76
N GLU A 466 -15.57 -5.30 -23.28
CA GLU A 466 -14.66 -4.36 -22.63
C GLU A 466 -13.32 -4.22 -23.35
N ALA A 467 -13.25 -4.61 -24.63
CA ALA A 467 -11.96 -4.57 -25.33
C ALA A 467 -11.40 -3.16 -25.40
N GLN A 468 -12.25 -2.14 -25.48
CA GLN A 468 -11.77 -0.77 -25.52
C GLN A 468 -11.51 -0.21 -24.13
N ALA A 469 -11.18 -1.07 -23.17
CA ALA A 469 -11.04 -0.65 -21.78
C ALA A 469 -9.94 0.39 -21.65
N GLU A 470 -10.22 1.40 -20.88
CA GLU A 470 -9.27 2.44 -20.65
C GLU A 470 -7.99 1.99 -19.97
N ASN A 471 -8.06 0.99 -19.10
CA ASN A 471 -6.88 0.61 -18.31
C ASN A 471 -6.15 -0.57 -18.96
N VAL A 472 -5.43 -0.27 -20.06
CA VAL A 472 -4.58 -1.24 -20.75
C VAL A 472 -3.11 -0.82 -20.58
N PHE A 473 -2.22 -1.80 -20.66
CA PHE A 473 -0.79 -1.56 -20.73
C PHE A 473 -0.17 -1.91 -22.08
N THR A 474 0.87 -1.14 -22.43
CA THR A 474 1.89 -1.54 -23.39
C THR A 474 2.90 -2.46 -22.70
N ARG A 475 3.74 -3.11 -23.51
CA ARG A 475 4.86 -3.87 -22.96
C ARG A 475 5.77 -2.98 -22.13
N GLU A 476 6.01 -1.75 -22.58
CA GLU A 476 6.88 -0.83 -21.84
C GLU A 476 6.32 -0.55 -20.45
N GLN A 477 5.03 -0.27 -20.36
CA GLN A 477 4.42 -0.03 -19.05
C GLN A 477 4.43 -1.27 -18.15
N LEU A 478 4.18 -2.45 -18.74
CA LEU A 478 4.30 -3.67 -17.96
C LEU A 478 5.65 -3.78 -17.27
N LEU A 479 6.74 -3.61 -18.04
CA LEU A 479 8.07 -3.81 -17.51
C LEU A 479 8.53 -2.68 -16.59
N ARG A 480 7.94 -1.49 -16.71
CA ARG A 480 8.29 -0.40 -15.80
C ARG A 480 7.67 -0.56 -14.40
N TYR A 481 6.46 -1.09 -14.31
CA TYR A 481 5.71 -1.05 -13.04
C TYR A 481 5.57 -2.41 -12.37
N PHE A 482 5.15 -3.44 -13.11
CA PHE A 482 4.89 -4.74 -12.50
C PHE A 482 6.13 -5.33 -11.79
N PRO A 483 7.33 -5.39 -12.40
CA PRO A 483 8.49 -5.86 -11.62
C PRO A 483 8.89 -4.93 -10.48
N TYR A 484 8.75 -3.61 -10.66
CA TYR A 484 9.07 -2.68 -9.58
C TYR A 484 8.18 -2.92 -8.35
N TYR A 485 6.86 -3.06 -8.54
CA TYR A 485 5.98 -3.23 -7.38
C TYR A 485 6.14 -4.61 -6.79
N LEU A 486 6.25 -5.63 -7.64
CA LEU A 486 6.17 -6.99 -7.13
C LEU A 486 7.52 -7.46 -6.57
N LEU A 487 8.63 -7.12 -7.24
CA LEU A 487 9.96 -7.52 -6.77
C LEU A 487 10.67 -6.45 -5.96
N VAL A 488 10.81 -5.23 -6.48
CA VAL A 488 11.58 -4.21 -5.77
C VAL A 488 10.88 -3.84 -4.47
N ASN A 489 9.61 -3.45 -4.55
CA ASN A 489 8.90 -2.98 -3.36
C ASN A 489 8.48 -4.15 -2.47
N SER A 490 7.78 -5.16 -3.02
CA SER A 490 7.20 -6.21 -2.17
C SER A 490 8.21 -7.28 -1.80
N THR A 491 8.76 -8.00 -2.80
CA THR A 491 9.54 -9.19 -2.51
C THR A 491 10.84 -8.85 -1.78
N PHE A 492 11.54 -7.81 -2.21
CA PHE A 492 12.79 -7.42 -1.54
C PHE A 492 12.55 -6.75 -0.18
N ALA A 493 11.33 -6.28 0.11
CA ALA A 493 11.01 -5.92 1.49
C ALA A 493 11.01 -7.15 2.38
N VAL A 494 10.50 -8.27 1.85
CA VAL A 494 10.54 -9.52 2.59
C VAL A 494 11.98 -9.95 2.84
N THR A 495 12.81 -9.99 1.79
CA THR A 495 14.18 -10.49 1.92
C THR A 495 15.06 -9.53 2.72
N ALA A 496 14.93 -8.22 2.47
CA ALA A 496 15.67 -7.25 3.29
C ALA A 496 15.29 -7.34 4.76
N ALA A 497 14.00 -7.51 5.05
CA ALA A 497 13.60 -7.53 6.44
C ALA A 497 14.20 -8.75 7.14
N LEU A 498 14.22 -9.90 6.44
CA LEU A 498 14.88 -11.09 6.99
C LEU A 498 16.40 -10.91 7.03
N GLY A 499 16.97 -10.19 6.06
CA GLY A 499 18.39 -9.91 6.11
C GLY A 499 18.77 -9.07 7.32
N ALA A 500 18.03 -7.96 7.54
CA ALA A 500 18.34 -7.04 8.63
C ALA A 500 18.29 -7.72 10.00
N ALA A 501 17.44 -8.73 10.17
CA ALA A 501 17.47 -9.45 11.44
C ALA A 501 18.58 -10.51 11.49
N GLY A 502 19.35 -10.69 10.42
CA GLY A 502 20.42 -11.67 10.43
C GLY A 502 19.98 -13.13 10.35
N LEU A 503 18.73 -13.39 9.96
CA LEU A 503 18.29 -14.78 9.80
C LEU A 503 19.04 -15.47 8.67
N ASP A 504 19.48 -14.71 7.69
CA ASP A 504 20.28 -15.13 6.54
C ASP A 504 20.41 -13.84 5.73
N SER A 505 21.28 -13.86 4.73
CA SER A 505 21.61 -12.63 4.01
C SER A 505 20.67 -12.40 2.84
N GLU A 506 20.58 -11.14 2.39
CA GLU A 506 19.69 -10.87 1.27
C GLU A 506 20.19 -11.56 0.02
N ALA A 507 21.52 -11.63 -0.16
CA ALA A 507 22.08 -12.30 -1.34
C ALA A 507 21.61 -13.75 -1.41
N ASN A 508 21.71 -14.48 -0.30
CA ASN A 508 21.23 -15.86 -0.25
C ASN A 508 19.71 -15.95 -0.43
N LEU A 509 18.95 -15.08 0.24
CA LEU A 509 17.50 -15.17 0.13
C LEU A 509 17.03 -14.80 -1.28
N MET A 510 17.70 -13.82 -1.92
CA MET A 510 17.32 -13.47 -3.29
C MET A 510 17.72 -14.56 -4.29
N ALA A 511 18.70 -15.39 -3.96
CA ALA A 511 18.98 -16.56 -4.78
C ALA A 511 17.86 -17.59 -4.68
N ARG A 512 17.24 -17.75 -3.49
CA ARG A 512 16.02 -18.55 -3.39
C ARG A 512 15.00 -18.07 -4.41
N VAL A 513 14.69 -16.77 -4.38
CA VAL A 513 13.64 -16.23 -5.23
C VAL A 513 13.98 -16.44 -6.71
N ARG A 514 15.23 -16.12 -7.09
CA ARG A 514 15.68 -16.31 -8.47
C ARG A 514 15.45 -17.72 -8.98
N THR A 515 15.76 -18.72 -8.16
CA THR A 515 15.57 -20.11 -8.59
C THR A 515 14.08 -20.45 -8.77
N LEU A 516 13.23 -20.00 -7.84
CA LEU A 516 11.81 -20.29 -7.95
C LEU A 516 11.15 -19.53 -9.11
N LEU A 517 11.64 -18.32 -9.43
CA LEU A 517 11.15 -17.62 -10.62
C LEU A 517 11.53 -18.37 -11.90
N ALA A 518 12.76 -18.91 -11.97
CA ALA A 518 13.16 -19.63 -13.18
C ALA A 518 12.26 -20.83 -13.44
N GLU A 519 11.86 -21.55 -12.38
CA GLU A 519 10.95 -22.68 -12.57
C GLU A 519 9.59 -22.21 -13.09
N MET A 520 9.07 -21.12 -12.53
CA MET A 520 7.83 -20.53 -13.01
C MET A 520 7.85 -20.26 -14.52
N ARG A 521 8.97 -19.71 -15.04
CA ARG A 521 9.04 -19.39 -16.46
C ARG A 521 8.77 -20.61 -17.32
N ASP A 522 9.12 -21.79 -16.83
CA ASP A 522 8.89 -23.01 -17.60
C ASP A 522 7.40 -23.37 -17.69
N GLN A 523 6.56 -22.81 -16.81
CA GLN A 523 5.16 -23.17 -16.71
C GLN A 523 4.24 -22.12 -17.32
N VAL A 524 4.77 -21.14 -18.04
CA VAL A 524 3.96 -20.07 -18.60
C VAL A 524 4.27 -19.90 -20.09
N THR A 525 3.35 -19.24 -20.76
CA THR A 525 3.41 -19.09 -22.22
C THR A 525 4.20 -17.84 -22.61
N HIS A 526 3.68 -16.65 -22.25
CA HIS A 526 4.35 -15.38 -22.52
C HIS A 526 5.48 -15.16 -21.53
N LYS A 527 6.72 -15.29 -22.00
CA LYS A 527 7.92 -15.24 -21.18
C LYS A 527 8.42 -13.82 -20.96
N THR A 528 7.79 -12.82 -21.61
CA THR A 528 8.39 -11.48 -21.68
C THR A 528 8.71 -10.92 -20.30
N CYS A 529 7.78 -11.05 -19.35
CA CYS A 529 7.96 -10.39 -18.06
C CYS A 529 9.00 -11.11 -17.21
N LEU A 530 8.98 -12.45 -17.20
CA LEU A 530 9.98 -13.19 -16.42
C LEU A 530 11.37 -13.03 -17.00
N ASN A 531 11.50 -13.02 -18.34
CA ASN A 531 12.82 -12.80 -18.97
C ASN A 531 13.46 -11.51 -18.45
N TYR A 532 12.71 -10.40 -18.52
CA TYR A 532 13.18 -9.12 -17.99
C TYR A 532 13.61 -9.25 -16.53
N VAL A 533 12.77 -9.89 -15.71
CA VAL A 533 13.07 -10.07 -14.29
C VAL A 533 14.35 -10.86 -14.08
N LEU A 534 14.57 -11.89 -14.89
CA LEU A 534 15.66 -12.84 -14.70
C LEU A 534 16.91 -12.50 -15.51
N GLU A 535 16.82 -11.58 -16.48
CA GLU A 535 17.90 -11.48 -17.48
C GLU A 535 18.41 -10.07 -17.74
N ASN A 536 17.54 -9.06 -17.74
CA ASN A 536 18.00 -7.68 -17.94
C ASN A 536 18.81 -7.19 -16.74
N PRO A 537 19.98 -6.57 -16.99
CA PRO A 537 20.84 -6.15 -15.88
C PRO A 537 20.33 -4.92 -15.16
N TYR A 538 19.47 -4.11 -15.78
CA TYR A 538 18.94 -2.91 -15.13
C TYR A 538 17.45 -2.75 -15.39
N TRP A 539 16.74 -2.33 -14.35
CA TRP A 539 15.31 -2.06 -14.39
C TRP A 539 15.11 -0.56 -14.26
N ASN A 540 14.68 0.08 -15.34
CA ASN A 540 14.37 1.51 -15.28
C ASN A 540 13.03 1.65 -14.58
N VAL A 541 13.03 2.33 -13.43
CA VAL A 541 11.86 2.44 -12.58
C VAL A 541 11.62 3.90 -12.22
N LYS A 542 10.37 4.24 -11.94
CA LYS A 542 10.00 5.60 -11.57
C LYS A 542 10.24 5.79 -10.07
N GLY A 543 11.09 6.75 -9.71
CA GLY A 543 11.48 6.94 -8.32
C GLY A 543 10.51 7.81 -7.55
N ASN A 544 10.83 8.02 -6.27
CA ASN A 544 9.97 8.79 -5.37
C ASN A 544 10.63 10.06 -4.85
N PHE A 545 11.94 10.05 -4.56
CA PHE A 545 12.56 11.17 -3.88
C PHE A 545 12.47 12.43 -4.73
N PHE A 546 12.96 12.34 -5.97
CA PHE A 546 12.93 13.51 -6.85
C PHE A 546 11.56 13.70 -7.49
N CYS A 547 10.80 12.62 -7.64
CA CYS A 547 9.43 12.73 -8.13
C CYS A 547 8.62 13.69 -7.26
N TYR A 548 8.72 13.53 -5.94
CA TYR A 548 7.93 14.33 -5.01
C TYR A 548 8.51 15.74 -4.85
N LEU A 549 9.77 15.95 -5.22
CA LEU A 549 10.31 17.30 -5.28
C LEU A 549 9.73 18.11 -6.45
N ASN A 550 9.05 17.46 -7.40
CA ASN A 550 8.12 18.12 -8.31
C ASN A 550 6.67 17.89 -7.85
N ASP A 551 5.73 18.44 -8.62
CA ASP A 551 4.31 18.29 -8.33
C ASP A 551 3.51 18.12 -9.63
N ASP A 559 15.96 17.29 -14.28
CA ASP A 559 14.71 16.69 -13.84
C ASP A 559 14.24 15.50 -14.66
N PRO A 560 14.23 15.63 -15.97
CA PRO A 560 13.61 14.57 -16.79
C PRO A 560 14.02 13.14 -16.46
N SER A 561 15.33 12.86 -16.55
CA SER A 561 15.90 11.57 -16.21
C SER A 561 16.33 11.48 -14.75
N VAL A 562 15.91 12.43 -13.92
CA VAL A 562 16.19 12.33 -12.49
C VAL A 562 15.02 11.70 -11.74
N ILE A 563 13.79 11.89 -12.23
CA ILE A 563 12.65 11.19 -11.64
C ILE A 563 12.77 9.70 -11.87
N TYR A 564 13.39 9.31 -12.96
CA TYR A 564 13.63 7.91 -13.26
C TYR A 564 15.06 7.53 -12.95
N PHE A 565 15.28 6.28 -12.60
CA PHE A 565 16.61 5.80 -12.28
C PHE A 565 16.70 4.33 -12.67
N ASP A 566 17.93 3.85 -12.80
CA ASP A 566 18.20 2.49 -13.22
C ASP A 566 18.52 1.65 -11.99
N PHE A 567 17.74 0.60 -11.77
CA PHE A 567 17.89 -0.28 -10.63
C PHE A 567 18.67 -1.50 -11.08
N ALA A 568 19.80 -1.75 -10.42
CA ALA A 568 20.64 -2.89 -10.77
C ALA A 568 19.94 -4.18 -10.36
N ASN A 569 19.72 -5.07 -11.33
CA ASN A 569 19.00 -6.32 -11.09
C ASN A 569 19.83 -7.28 -10.23
N PRO A 570 19.46 -7.54 -8.98
CA PRO A 570 20.20 -8.52 -8.17
C PRO A 570 19.90 -9.96 -8.48
N LEU A 571 18.95 -10.24 -9.37
CA LEU A 571 18.59 -11.60 -9.75
C LEU A 571 19.37 -12.13 -10.95
N LEU A 572 20.31 -11.37 -11.48
CA LEU A 572 21.00 -11.72 -12.70
C LEU A 572 22.16 -12.66 -12.39
N ALA A 573 22.25 -13.75 -13.17
CA ALA A 573 23.24 -14.82 -12.95
C ALA A 573 24.67 -14.29 -12.76
S SO4 B . -7.08 0.79 -0.91
O1 SO4 B . -5.67 0.71 -1.25
O2 SO4 B . -7.85 0.15 -1.90
O3 SO4 B . -7.27 0.09 0.33
O4 SO4 B . -7.48 2.16 -0.78
#